data_6XNB
#
_entry.id   6XNB
#
_cell.length_a   59.160
_cell.length_b   59.160
_cell.length_c   118.920
_cell.angle_alpha   90.000
_cell.angle_beta   90.000
_cell.angle_gamma   90.000
#
_symmetry.space_group_name_H-M   'P 42 21 2'
#
loop_
_entity.id
_entity.type
_entity.pdbx_description
1 polymer 'Short chain alcohol dehydrogenase'
2 non-polymer 'MAGNESIUM ION'
3 water water
#
_entity_poly.entity_id   1
_entity_poly.type   'polypeptide(L)'
_entity_poly.pdbx_seq_one_letter_code
;MAQYDVAGRSAIVTGGGSGIGRAIALTLAASGAAVLVTDLNEENANAVVAEISAAGGTARALAGDVTDPAFAEASVAAAN
ELAPLRIAVNNAGIGGAAAPVGDYPLDSWRKVIEVNLNAVFYGMQAQLDAIGANGGGAIVNMASILGSVGFANYSAYVTA
KHALLGLTQNAALEYAGKNVRVVAVGPGFIRTPLVASNMDADTLAFLEGKHALGRLGEPEEVASLVAFLASDAASFITGS
YHLVDGGYTAQ
;
_entity_poly.pdbx_strand_id   A
#
# COMPACT_ATOMS: atom_id res chain seq x y z
N MET A 1 22.52 4.47 -1.09
CA MET A 1 22.84 5.01 0.25
C MET A 1 21.57 5.17 1.10
N ALA A 2 20.39 5.20 0.48
CA ALA A 2 19.18 5.47 1.26
C ALA A 2 19.04 4.42 2.35
N GLN A 3 18.81 4.88 3.58
CA GLN A 3 18.50 4.02 4.71
C GLN A 3 17.35 4.66 5.46
N TYR A 4 16.42 3.84 5.93
CA TYR A 4 15.21 4.32 6.61
C TYR A 4 15.24 3.93 8.08
N ASP A 5 14.74 4.84 8.90
CA ASP A 5 14.75 4.68 10.36
C ASP A 5 13.51 3.88 10.77
N VAL A 6 13.60 2.57 10.53
CA VAL A 6 12.48 1.65 10.68
C VAL A 6 12.83 0.37 11.43
N ALA A 7 13.98 0.32 12.05
CA ALA A 7 14.38 -0.90 12.74
C ALA A 7 13.78 -0.98 14.15
N GLY A 8 13.98 -2.11 14.80
CA GLY A 8 13.42 -2.29 16.12
C GLY A 8 11.92 -2.40 16.18
N ARG A 9 11.29 -2.88 15.11
CA ARG A 9 9.84 -2.96 15.03
C ARG A 9 9.50 -3.92 13.90
N SER A 10 8.23 -4.31 13.86
CA SER A 10 7.68 -5.06 12.74
C SER A 10 6.78 -4.17 11.88
N ALA A 11 6.59 -4.65 10.65
CA ALA A 11 5.80 -3.95 9.65
C ALA A 11 4.95 -4.95 8.90
N ILE A 12 3.66 -4.67 8.75
CA ILE A 12 2.81 -5.44 7.85
C ILE A 12 2.84 -4.80 6.48
N VAL A 13 3.01 -5.58 5.43
CA VAL A 13 2.83 -5.12 4.06
C VAL A 13 1.81 -6.02 3.39
N THR A 14 0.63 -5.48 3.11
CA THR A 14 -0.38 -6.29 2.42
C THR A 14 -0.14 -6.23 0.92
N GLY A 15 -0.60 -7.26 0.22
CA GLY A 15 -0.24 -7.36 -1.18
C GLY A 15 1.26 -7.35 -1.39
N GLY A 16 2.02 -7.92 -0.45
CA GLY A 16 3.46 -7.81 -0.47
C GLY A 16 4.21 -8.80 -1.33
N GLY A 17 3.49 -9.66 -2.04
CA GLY A 17 4.13 -10.70 -2.80
C GLY A 17 4.60 -10.33 -4.20
N SER A 18 4.32 -9.12 -4.68
CA SER A 18 4.72 -8.75 -6.03
C SER A 18 4.66 -7.23 -6.18
N GLY A 19 5.29 -6.77 -7.26
CA GLY A 19 5.14 -5.38 -7.68
C GLY A 19 5.51 -4.37 -6.61
N ILE A 20 4.63 -3.39 -6.40
CA ILE A 20 4.92 -2.31 -5.44
C ILE A 20 5.05 -2.88 -4.03
N GLY A 21 4.16 -3.81 -3.67
CA GLY A 21 4.21 -4.40 -2.35
C GLY A 21 5.51 -5.13 -2.09
N ARG A 22 5.97 -5.90 -3.06
CA ARG A 22 7.28 -6.53 -2.96
C ARG A 22 8.37 -5.51 -2.71
N ALA A 23 8.39 -4.42 -3.48
CA ALA A 23 9.42 -3.41 -3.31
C ALA A 23 9.36 -2.79 -1.93
N ILE A 24 8.16 -2.52 -1.45
CA ILE A 24 8.00 -1.95 -0.12
C ILE A 24 8.58 -2.89 0.93
N ALA A 25 8.23 -4.16 0.84
CA ALA A 25 8.71 -5.16 1.79
C ALA A 25 10.22 -5.25 1.76
N LEU A 26 10.81 -5.34 0.56
CA LEU A 26 12.26 -5.42 0.45
C LEU A 26 12.93 -4.19 1.06
N THR A 27 12.42 -3.01 0.75
CA THR A 27 13.03 -1.78 1.23
C THR A 27 12.93 -1.67 2.75
N LEU A 28 11.77 -1.97 3.32
CA LEU A 28 11.65 -1.92 4.78
C LEU A 28 12.57 -2.93 5.43
N ALA A 29 12.62 -4.16 4.90
CA ALA A 29 13.46 -5.16 5.53
C ALA A 29 14.94 -4.83 5.40
N ALA A 30 15.36 -4.24 4.28
CA ALA A 30 16.77 -3.90 4.12
C ALA A 30 17.24 -2.83 5.10
N SER A 31 16.34 -2.04 5.65
CA SER A 31 16.64 -1.06 6.69
C SER A 31 16.33 -1.57 8.09
N GLY A 32 16.02 -2.85 8.24
CA GLY A 32 15.97 -3.45 9.55
C GLY A 32 14.60 -3.72 10.13
N ALA A 33 13.52 -3.35 9.47
CA ALA A 33 12.22 -3.70 10.00
C ALA A 33 12.00 -5.20 9.81
N ALA A 34 11.33 -5.82 10.76
CA ALA A 34 10.90 -7.23 10.64
C ALA A 34 9.57 -7.21 9.89
N VAL A 35 9.54 -7.76 8.68
CA VAL A 35 8.39 -7.58 7.82
C VAL A 35 7.50 -8.82 7.76
N LEU A 36 6.21 -8.61 7.99
CA LEU A 36 5.19 -9.62 7.73
C LEU A 36 4.61 -9.32 6.36
N VAL A 37 4.92 -10.18 5.41
CA VAL A 37 4.43 -10.08 4.05
C VAL A 37 3.12 -10.83 3.98
N THR A 38 2.02 -10.14 3.72
CA THR A 38 0.77 -10.85 3.48
C THR A 38 0.36 -10.74 2.00
N ASP A 39 -0.30 -11.76 1.51
CA ASP A 39 -0.75 -11.76 0.13
C ASP A 39 -1.76 -12.89 0.01
N LEU A 40 -2.72 -12.72 -0.89
CA LEU A 40 -3.60 -13.81 -1.26
C LEU A 40 -2.83 -14.95 -1.93
N ASN A 41 -1.75 -14.64 -2.60
CA ASN A 41 -0.96 -15.62 -3.35
C ASN A 41 0.19 -16.07 -2.47
N GLU A 42 0.08 -17.30 -1.96
CA GLU A 42 1.07 -17.84 -1.04
C GLU A 42 2.43 -17.99 -1.71
N GLU A 43 2.46 -18.51 -2.93
CA GLU A 43 3.74 -18.65 -3.61
C GLU A 43 4.49 -17.33 -3.65
N ASN A 44 3.78 -16.25 -3.96
CA ASN A 44 4.44 -14.95 -4.10
C ASN A 44 4.89 -14.41 -2.76
N ALA A 45 4.05 -14.52 -1.74
CA ALA A 45 4.47 -14.06 -0.42
C ALA A 45 5.70 -14.83 0.06
N ASN A 46 5.70 -16.14 -0.14
CA ASN A 46 6.86 -16.93 0.28
C ASN A 46 8.12 -16.53 -0.49
N ALA A 47 7.98 -16.28 -1.79
CA ALA A 47 9.13 -15.88 -2.57
C ALA A 47 9.74 -14.58 -2.08
N VAL A 48 8.91 -13.58 -1.77
CA VAL A 48 9.46 -12.31 -1.29
C VAL A 48 10.14 -12.49 0.06
N VAL A 49 9.53 -13.25 0.97
CA VAL A 49 10.14 -13.53 2.26
C VAL A 49 11.48 -14.22 2.07
N ALA A 50 11.58 -15.16 1.14
CA ALA A 50 12.85 -15.81 0.87
C ALA A 50 13.90 -14.81 0.37
N GLU A 51 13.51 -13.87 -0.49
CA GLU A 51 14.46 -12.85 -0.94
C GLU A 51 14.96 -12.03 0.25
N ILE A 52 14.04 -11.63 1.13
CA ILE A 52 14.42 -10.84 2.30
C ILE A 52 15.40 -11.61 3.16
N SER A 53 15.09 -12.86 3.45
CA SER A 53 15.95 -13.65 4.33
C SER A 53 17.30 -13.88 3.67
N ALA A 54 17.32 -14.12 2.37
CA ALA A 54 18.60 -14.37 1.70
C ALA A 54 19.49 -13.15 1.73
N ALA A 55 18.91 -11.95 1.74
CA ALA A 55 19.64 -10.70 1.84
C ALA A 55 19.98 -10.33 3.26
N GLY A 56 19.70 -11.16 4.24
CA GLY A 56 20.10 -10.91 5.61
C GLY A 56 19.03 -10.28 6.47
N GLY A 57 17.83 -10.09 5.95
CA GLY A 57 16.77 -9.44 6.68
C GLY A 57 15.88 -10.42 7.42
N THR A 58 14.87 -9.86 8.07
CA THR A 58 13.94 -10.63 8.90
C THR A 58 12.54 -10.47 8.34
N ALA A 59 11.91 -11.59 7.99
CA ALA A 59 10.56 -11.55 7.46
C ALA A 59 9.85 -12.88 7.68
N ARG A 60 8.53 -12.82 7.65
CA ARG A 60 7.68 -14.01 7.67
C ARG A 60 6.51 -13.74 6.74
N ALA A 61 5.98 -14.79 6.13
CA ALA A 61 4.82 -14.68 5.27
C ALA A 61 3.56 -15.12 6.00
N LEU A 62 2.45 -14.51 5.63
CA LEU A 62 1.12 -15.00 6.04
C LEU A 62 0.20 -14.84 4.83
N ALA A 63 -0.25 -15.93 4.25
CA ALA A 63 -1.11 -15.90 3.08
C ALA A 63 -2.54 -15.85 3.55
N GLY A 64 -3.32 -14.98 2.92
CA GLY A 64 -4.73 -14.89 3.26
C GLY A 64 -5.37 -13.71 2.56
N ASP A 65 -6.60 -13.45 2.97
CA ASP A 65 -7.50 -12.53 2.26
C ASP A 65 -7.83 -11.33 3.13
N VAL A 66 -7.33 -10.16 2.74
CA VAL A 66 -7.58 -8.94 3.51
C VAL A 66 -9.06 -8.55 3.59
N THR A 67 -9.90 -9.11 2.73
CA THR A 67 -11.33 -8.80 2.87
C THR A 67 -11.99 -9.57 4.01
N ASP A 68 -11.27 -10.47 4.66
CA ASP A 68 -11.76 -11.13 5.88
C ASP A 68 -11.28 -10.30 7.07
N PRO A 69 -12.17 -9.66 7.81
CA PRO A 69 -11.72 -8.88 8.98
C PRO A 69 -10.86 -9.67 9.93
N ALA A 70 -11.07 -10.98 10.06
CA ALA A 70 -10.24 -11.77 10.97
C ALA A 70 -8.81 -11.87 10.49
N PHE A 71 -8.58 -11.81 9.18
CA PHE A 71 -7.22 -11.86 8.67
C PHE A 71 -6.42 -10.64 9.08
N ALA A 72 -7.08 -9.50 9.22
CA ALA A 72 -6.39 -8.31 9.71
C ALA A 72 -5.85 -8.53 11.11
N GLU A 73 -6.66 -9.17 11.97
CA GLU A 73 -6.23 -9.46 13.32
C GLU A 73 -5.14 -10.52 13.34
N ALA A 74 -5.25 -11.55 12.50
CA ALA A 74 -4.22 -12.58 12.45
C ALA A 74 -2.89 -11.97 11.99
N SER A 75 -2.95 -11.02 11.07
CA SER A 75 -1.75 -10.34 10.60
C SER A 75 -1.08 -9.54 11.71
N VAL A 76 -1.87 -8.81 12.50
CA VAL A 76 -1.31 -8.04 13.60
C VAL A 76 -0.65 -8.96 14.62
N ALA A 77 -1.31 -10.07 14.95
CA ALA A 77 -0.73 -10.97 15.93
C ALA A 77 0.56 -11.57 15.41
N ALA A 78 0.57 -11.97 14.14
CA ALA A 78 1.79 -12.56 13.60
C ALA A 78 2.93 -11.56 13.58
N ALA A 79 2.65 -10.31 13.19
CA ALA A 79 3.71 -9.30 13.16
C ALA A 79 4.26 -9.06 14.56
N ASN A 80 3.39 -8.95 15.56
CA ASN A 80 3.85 -8.69 16.91
C ASN A 80 4.74 -9.81 17.44
N GLU A 81 4.60 -11.04 16.93
CA GLU A 81 5.51 -12.09 17.37
C GLU A 81 6.93 -11.86 16.86
N LEU A 82 7.09 -11.14 15.75
CA LEU A 82 8.42 -10.84 15.25
C LEU A 82 9.09 -9.75 16.08
N ALA A 83 8.37 -8.67 16.36
CA ALA A 83 8.88 -7.44 16.96
C ALA A 83 7.66 -6.55 17.12
N PRO A 84 7.70 -5.50 17.90
CA PRO A 84 6.48 -4.70 18.09
C PRO A 84 6.00 -4.09 16.79
N LEU A 85 4.76 -4.34 16.46
CA LEU A 85 4.17 -3.75 15.26
C LEU A 85 4.09 -2.23 15.38
N ARG A 86 4.76 -1.55 14.47
CA ARG A 86 4.75 -0.08 14.45
C ARG A 86 4.62 0.48 13.04
N ILE A 87 4.47 -0.37 12.02
CA ILE A 87 4.27 0.06 10.65
C ILE A 87 3.23 -0.88 10.03
N ALA A 88 2.25 -0.32 9.34
CA ALA A 88 1.38 -1.15 8.51
C ALA A 88 1.19 -0.43 7.19
N VAL A 89 1.36 -1.18 6.11
CA VAL A 89 1.19 -0.66 4.76
C VAL A 89 0.05 -1.42 4.11
N ASN A 90 -1.06 -0.73 3.87
CA ASN A 90 -2.26 -1.33 3.28
C ASN A 90 -2.18 -1.07 1.78
N ASN A 91 -1.65 -2.06 1.08
CA ASN A 91 -1.25 -1.96 -0.31
C ASN A 91 -2.02 -2.87 -1.24
N ALA A 92 -2.57 -4.00 -0.78
CA ALA A 92 -3.31 -4.89 -1.66
C ALA A 92 -4.43 -4.15 -2.37
N GLY A 93 -4.61 -4.45 -3.65
CA GLY A 93 -5.65 -3.79 -4.42
C GLY A 93 -5.86 -4.51 -5.72
N ILE A 94 -7.00 -4.22 -6.36
CA ILE A 94 -7.36 -4.76 -7.66
C ILE A 94 -7.83 -3.61 -8.54
N GLY A 95 -7.75 -3.80 -9.86
CA GLY A 95 -8.14 -2.73 -10.76
C GLY A 95 -9.63 -2.65 -11.07
N GLY A 96 -10.32 -3.79 -11.06
CA GLY A 96 -11.70 -3.88 -11.43
C GLY A 96 -11.93 -4.01 -12.93
N ALA A 97 -13.21 -4.18 -13.27
CA ALA A 97 -13.62 -4.21 -14.66
C ALA A 97 -13.42 -2.84 -15.29
N ALA A 98 -13.20 -2.84 -16.60
CA ALA A 98 -13.14 -1.61 -17.38
C ALA A 98 -14.53 -1.44 -17.99
N ALA A 99 -15.25 -0.42 -17.54
CA ALA A 99 -16.59 -0.15 -18.05
C ALA A 99 -16.99 1.22 -17.55
N PRO A 100 -17.76 2.00 -18.29
CA PRO A 100 -18.27 3.27 -17.75
C PRO A 100 -19.24 3.05 -16.61
N VAL A 101 -19.44 4.11 -15.81
CA VAL A 101 -20.24 4.01 -14.58
C VAL A 101 -21.58 3.33 -14.86
N GLY A 102 -22.27 3.79 -15.89
CA GLY A 102 -23.60 3.30 -16.20
C GLY A 102 -23.67 1.83 -16.53
N ASP A 103 -22.55 1.24 -16.94
CA ASP A 103 -22.51 -0.15 -17.34
C ASP A 103 -21.72 -1.02 -16.37
N TYR A 104 -21.23 -0.45 -15.29
CA TYR A 104 -20.32 -1.18 -14.40
C TYR A 104 -21.08 -2.32 -13.74
N PRO A 105 -20.58 -3.55 -13.80
CA PRO A 105 -21.31 -4.65 -13.16
C PRO A 105 -21.37 -4.46 -11.66
N LEU A 106 -22.53 -4.76 -11.06
CA LEU A 106 -22.70 -4.58 -9.62
C LEU A 106 -21.70 -5.42 -8.83
N ASP A 107 -21.54 -6.68 -9.22
N ASP A 107 -21.45 -6.65 -9.28
CA ASP A 107 -20.59 -7.53 -8.49
CA ASP A 107 -20.53 -7.50 -8.51
C ASP A 107 -19.20 -6.92 -8.53
C ASP A 107 -19.08 -7.03 -8.60
N SER A 108 -18.79 -6.49 -9.72
N SER A 108 -18.71 -6.43 -9.74
CA SER A 108 -17.47 -5.89 -9.91
CA SER A 108 -17.37 -5.89 -9.86
C SER A 108 -17.29 -4.68 -9.02
C SER A 108 -17.23 -4.60 -9.06
N TRP A 109 -18.26 -3.75 -9.07
CA TRP A 109 -18.22 -2.56 -8.22
C TRP A 109 -18.02 -2.94 -6.76
N ARG A 110 -18.85 -3.86 -6.28
CA ARG A 110 -18.79 -4.23 -4.88
C ARG A 110 -17.47 -4.87 -4.53
N LYS A 111 -16.91 -5.68 -5.44
CA LYS A 111 -15.63 -6.34 -5.19
C LYS A 111 -14.50 -5.31 -5.06
N VAL A 112 -14.46 -4.33 -5.97
CA VAL A 112 -13.42 -3.30 -5.91
C VAL A 112 -13.55 -2.48 -4.63
N ILE A 113 -14.77 -2.06 -4.29
CA ILE A 113 -14.94 -1.36 -3.02
C ILE A 113 -14.48 -2.24 -1.87
N GLU A 114 -14.80 -3.53 -1.91
CA GLU A 114 -14.47 -4.41 -0.78
C GLU A 114 -12.96 -4.54 -0.57
N VAL A 115 -12.20 -4.73 -1.65
CA VAL A 115 -10.75 -4.92 -1.52
C VAL A 115 -10.03 -3.59 -1.34
N ASN A 116 -10.36 -2.59 -2.17
CA ASN A 116 -9.56 -1.37 -2.22
C ASN A 116 -9.93 -0.39 -1.13
N LEU A 117 -11.13 -0.48 -0.57
CA LEU A 117 -11.55 0.37 0.52
C LEU A 117 -11.81 -0.43 1.78
N ASN A 118 -12.79 -1.35 1.77
CA ASN A 118 -13.21 -1.93 3.02
C ASN A 118 -12.11 -2.76 3.68
N ALA A 119 -11.29 -3.46 2.90
CA ALA A 119 -10.20 -4.25 3.49
C ALA A 119 -9.14 -3.35 4.11
N VAL A 120 -8.97 -2.13 3.58
CA VAL A 120 -8.09 -1.17 4.24
C VAL A 120 -8.65 -0.80 5.60
N PHE A 121 -9.94 -0.48 5.65
CA PHE A 121 -10.63 -0.25 6.91
C PHE A 121 -10.50 -1.43 7.87
N TYR A 122 -10.73 -2.67 7.39
CA TYR A 122 -10.62 -3.82 8.30
C TYR A 122 -9.20 -3.91 8.83
N GLY A 123 -8.21 -3.68 7.95
CA GLY A 123 -6.82 -3.67 8.39
C GLY A 123 -6.57 -2.64 9.47
N MET A 124 -7.01 -1.41 9.23
CA MET A 124 -6.83 -0.35 10.20
C MET A 124 -7.52 -0.63 11.52
N GLN A 125 -8.68 -1.30 11.52
CA GLN A 125 -9.31 -1.62 12.79
C GLN A 125 -8.42 -2.50 13.67
N ALA A 126 -7.63 -3.38 13.07
CA ALA A 126 -6.70 -4.18 13.84
C ALA A 126 -5.42 -3.41 14.12
N GLN A 127 -4.98 -2.60 13.16
CA GLN A 127 -3.65 -2.01 13.24
C GLN A 127 -3.59 -0.82 14.18
N LEU A 128 -4.61 0.03 14.20
CA LEU A 128 -4.52 1.31 14.89
C LEU A 128 -4.25 1.14 16.38
N ASP A 129 -5.09 0.38 17.08
CA ASP A 129 -4.86 0.20 18.51
C ASP A 129 -3.58 -0.58 18.77
N ALA A 130 -3.25 -1.54 17.91
CA ALA A 130 -2.06 -2.36 18.13
C ALA A 130 -0.80 -1.51 18.05
N ILE A 131 -0.74 -0.61 17.06
CA ILE A 131 0.41 0.27 16.93
C ILE A 131 0.44 1.26 18.07
N GLY A 132 -0.73 1.78 18.46
CA GLY A 132 -0.80 2.63 19.64
C GLY A 132 -0.27 1.95 20.89
N ALA A 133 -0.54 0.66 21.04
CA ALA A 133 -0.10 -0.08 22.21
C ALA A 133 1.39 -0.34 22.19
N ASN A 134 2.06 -0.17 21.05
CA ASN A 134 3.49 -0.33 20.92
C ASN A 134 4.21 0.99 20.86
N GLY A 135 3.59 2.05 21.34
CA GLY A 135 4.26 3.33 21.41
C GLY A 135 4.09 4.19 20.19
N GLY A 136 3.11 3.92 19.38
CA GLY A 136 2.89 4.69 18.18
C GLY A 136 3.66 4.17 16.99
N GLY A 137 3.45 4.80 15.86
CA GLY A 137 4.08 4.39 14.62
C GLY A 137 3.34 4.97 13.43
N ALA A 138 3.20 4.20 12.36
CA ALA A 138 2.67 4.73 11.13
C ALA A 138 1.92 3.69 10.33
N ILE A 139 0.79 4.14 9.77
CA ILE A 139 0.04 3.39 8.77
C ILE A 139 0.13 4.16 7.47
N VAL A 140 0.57 3.49 6.41
CA VAL A 140 0.64 4.05 5.07
C VAL A 140 -0.39 3.33 4.21
N ASN A 141 -1.38 4.08 3.71
CA ASN A 141 -2.40 3.53 2.85
C ASN A 141 -2.00 3.84 1.39
N MET A 142 -2.09 2.83 0.54
N MET A 142 -2.09 2.83 0.54
CA MET A 142 -1.72 2.99 -0.83
CA MET A 142 -1.72 2.98 -0.84
C MET A 142 -2.89 3.43 -1.64
C MET A 142 -2.89 3.44 -1.63
N ALA A 143 -2.83 4.87 -1.84
CA ALA A 143 -4.01 5.37 -2.73
C ALA A 143 -3.36 5.30 -4.21
N SER A 144 -3.41 6.36 -4.94
CA SER A 144 -3.03 6.44 -6.33
C SER A 144 -3.13 7.92 -6.64
N ILE A 145 -2.65 8.29 -7.84
CA ILE A 145 -3.05 9.55 -8.47
C ILE A 145 -4.58 9.53 -8.66
N LEU A 146 -5.21 8.34 -8.74
CA LEU A 146 -6.66 8.21 -8.92
C LEU A 146 -7.43 8.35 -7.61
N GLY A 147 -6.74 8.69 -6.54
CA GLY A 147 -7.37 9.24 -5.36
C GLY A 147 -7.68 10.72 -5.45
N SER A 148 -7.17 11.41 -6.47
CA SER A 148 -7.42 12.84 -6.61
C SER A 148 -7.86 13.28 -8.00
N VAL A 149 -7.70 12.45 -9.02
CA VAL A 149 -8.22 12.70 -10.35
C VAL A 149 -8.89 11.40 -10.83
N GLY A 150 -9.62 11.53 -11.92
CA GLY A 150 -10.33 10.41 -12.51
C GLY A 150 -9.59 9.78 -13.67
N PHE A 151 -10.16 8.66 -14.14
CA PHE A 151 -9.60 7.95 -15.28
C PHE A 151 -10.73 7.11 -15.87
N ALA A 152 -11.16 7.47 -17.06
CA ALA A 152 -12.36 6.88 -17.63
C ALA A 152 -12.30 5.37 -17.61
N ASN A 153 -13.44 4.76 -17.25
CA ASN A 153 -13.75 3.34 -17.28
C ASN A 153 -13.29 2.60 -16.03
N TYR A 154 -12.66 3.26 -15.07
CA TYR A 154 -12.22 2.62 -13.83
C TYR A 154 -12.83 3.29 -12.60
N SER A 155 -14.13 3.59 -12.69
CA SER A 155 -14.76 4.40 -11.65
C SER A 155 -14.72 3.75 -10.27
N ALA A 156 -14.84 2.42 -10.19
CA ALA A 156 -14.84 1.78 -8.87
C ALA A 156 -13.49 1.97 -8.20
N TYR A 157 -12.42 1.83 -8.97
CA TYR A 157 -11.07 2.01 -8.46
C TYR A 157 -10.84 3.46 -8.03
N VAL A 158 -11.20 4.40 -8.90
CA VAL A 158 -11.06 5.83 -8.60
C VAL A 158 -11.84 6.19 -7.35
N THR A 159 -13.07 5.69 -7.26
CA THR A 159 -13.93 5.96 -6.10
C THR A 159 -13.31 5.40 -4.82
N ALA A 160 -12.84 4.17 -4.87
CA ALA A 160 -12.23 3.59 -3.67
C ALA A 160 -10.96 4.32 -3.26
N LYS A 161 -10.13 4.70 -4.24
CA LYS A 161 -8.90 5.42 -3.90
C LYS A 161 -9.17 6.81 -3.35
N HIS A 162 -10.18 7.51 -3.88
CA HIS A 162 -10.59 8.77 -3.28
C HIS A 162 -11.04 8.56 -1.83
N ALA A 163 -11.82 7.50 -1.60
CA ALA A 163 -12.31 7.20 -0.26
C ALA A 163 -11.17 7.05 0.73
N LEU A 164 -10.09 6.41 0.29
CA LEU A 164 -8.95 6.21 1.18
C LEU A 164 -8.37 7.52 1.71
N LEU A 165 -8.44 8.62 0.97
CA LEU A 165 -7.89 9.87 1.47
C LEU A 165 -8.66 10.32 2.69
N GLY A 166 -9.97 10.10 2.69
CA GLY A 166 -10.77 10.49 3.83
C GLY A 166 -10.58 9.58 5.04
N LEU A 167 -10.54 8.27 4.80
CA LEU A 167 -10.23 7.33 5.86
C LEU A 167 -8.88 7.64 6.49
N THR A 168 -7.91 8.01 5.65
CA THR A 168 -6.60 8.40 6.15
C THR A 168 -6.68 9.67 7.00
N GLN A 169 -7.35 10.71 6.51
CA GLN A 169 -7.48 11.93 7.29
C GLN A 169 -8.12 11.64 8.64
N ASN A 170 -9.20 10.86 8.63
CA ASN A 170 -9.95 10.66 9.87
C ASN A 170 -9.14 9.88 10.89
N ALA A 171 -8.51 8.79 10.47
CA ALA A 171 -7.71 8.04 11.43
C ALA A 171 -6.55 8.86 11.94
N ALA A 172 -5.96 9.70 11.08
CA ALA A 172 -4.90 10.59 11.53
C ALA A 172 -5.38 11.52 12.64
N LEU A 173 -6.57 12.10 12.47
CA LEU A 173 -7.09 12.99 13.49
C LEU A 173 -7.38 12.25 14.77
N GLU A 174 -7.93 11.04 14.67
CA GLU A 174 -8.43 10.32 15.83
C GLU A 174 -7.33 9.66 16.65
N TYR A 175 -6.22 9.28 16.02
CA TYR A 175 -5.16 8.50 16.67
C TYR A 175 -3.87 9.29 16.82
N ALA A 176 -3.89 10.58 16.48
CA ALA A 176 -2.74 11.44 16.72
C ALA A 176 -2.35 11.45 18.20
N GLY A 177 -3.33 11.40 19.10
CA GLY A 177 -3.07 11.42 20.53
C GLY A 177 -2.30 10.21 21.01
N LYS A 178 -2.37 9.10 20.28
N LYS A 178 -2.37 9.10 20.29
CA LYS A 178 -1.58 7.91 20.56
CA LYS A 178 -1.56 7.92 20.57
C LYS A 178 -0.31 7.86 19.72
C LYS A 178 -0.34 7.84 19.67
N ASN A 179 -0.03 8.93 18.97
CA ASN A 179 1.13 8.99 18.10
C ASN A 179 1.12 7.91 17.04
N VAL A 180 -0.07 7.63 16.51
CA VAL A 180 -0.20 6.77 15.33
C VAL A 180 -0.43 7.69 14.15
N ARG A 181 0.56 7.81 13.28
CA ARG A 181 0.45 8.62 12.08
C ARG A 181 -0.24 7.78 11.02
N VAL A 182 -1.03 8.43 10.18
CA VAL A 182 -1.73 7.75 9.09
C VAL A 182 -1.61 8.65 7.86
N VAL A 183 -1.05 8.10 6.77
CA VAL A 183 -0.80 8.86 5.56
C VAL A 183 -1.20 8.04 4.34
N ALA A 184 -1.34 8.72 3.21
CA ALA A 184 -1.67 8.08 1.95
C ALA A 184 -0.63 8.43 0.90
N VAL A 185 -0.24 7.45 0.11
CA VAL A 185 0.68 7.64 -1.00
C VAL A 185 -0.08 7.47 -2.30
N GLY A 186 0.24 8.32 -3.27
CA GLY A 186 -0.43 8.33 -4.54
C GLY A 186 0.50 8.12 -5.72
N PRO A 187 0.77 6.88 -6.07
CA PRO A 187 1.62 6.64 -7.24
C PRO A 187 0.90 6.97 -8.53
N GLY A 188 1.68 7.48 -9.48
CA GLY A 188 1.28 7.48 -10.87
C GLY A 188 1.26 6.07 -11.43
N PHE A 189 1.24 5.92 -12.76
CA PHE A 189 1.28 4.59 -13.36
C PHE A 189 2.69 4.02 -13.19
N ILE A 190 2.78 2.79 -12.71
CA ILE A 190 4.02 2.13 -12.39
C ILE A 190 4.23 0.88 -13.25
N ARG A 191 5.43 0.66 -13.69
CA ARG A 191 5.79 -0.53 -14.47
C ARG A 191 5.99 -1.71 -13.52
N THR A 192 4.96 -2.47 -13.32
CA THR A 192 5.04 -3.70 -12.51
C THR A 192 4.95 -4.88 -13.48
N PRO A 193 4.92 -6.12 -12.93
CA PRO A 193 4.70 -7.27 -13.76
C PRO A 193 3.41 -7.19 -14.59
N LEU A 194 2.26 -6.71 -14.11
CA LEU A 194 1.13 -6.64 -14.99
C LEU A 194 1.40 -5.74 -16.20
N VAL A 195 2.03 -4.60 -15.98
CA VAL A 195 2.31 -3.66 -17.09
C VAL A 195 3.21 -4.23 -18.16
N ALA A 196 4.40 -4.76 -17.82
CA ALA A 196 5.35 -5.30 -18.78
C ALA A 196 4.91 -6.63 -19.38
N SER A 197 3.87 -7.28 -18.83
CA SER A 197 3.43 -8.57 -19.33
C SER A 197 2.23 -8.48 -20.27
N ASN A 198 1.39 -7.46 -20.12
CA ASN A 198 0.11 -7.42 -20.84
C ASN A 198 -0.18 -6.11 -21.54
N MET A 199 0.48 -5.01 -21.19
CA MET A 199 0.15 -3.71 -21.75
C MET A 199 0.74 -3.56 -23.15
N ASP A 200 -0.10 -3.20 -24.10
CA ASP A 200 0.33 -3.02 -25.48
C ASP A 200 1.12 -1.73 -25.63
N ALA A 201 1.94 -1.67 -26.67
CA ALA A 201 2.85 -0.54 -26.87
C ALA A 201 2.11 0.78 -27.03
N ASP A 202 0.95 0.77 -27.70
CA ASP A 202 0.21 2.01 -27.87
C ASP A 202 -0.29 2.52 -26.53
N THR A 203 -0.83 1.62 -25.70
CA THR A 203 -1.27 1.99 -24.37
C THR A 203 -0.11 2.59 -23.56
N LEU A 204 1.06 1.94 -23.59
CA LEU A 204 2.20 2.41 -22.81
C LEU A 204 2.60 3.82 -23.21
N ALA A 205 2.72 4.07 -24.53
CA ALA A 205 3.10 5.40 -24.98
C ALA A 205 2.08 6.44 -24.54
N PHE A 206 0.80 6.07 -24.60
CA PHE A 206 -0.26 6.98 -24.15
C PHE A 206 -0.10 7.33 -22.67
N LEU A 207 0.09 6.32 -21.82
CA LEU A 207 0.27 6.60 -20.39
C LEU A 207 1.56 7.36 -20.12
N GLU A 208 2.67 7.01 -20.80
CA GLU A 208 3.93 7.71 -20.57
C GLU A 208 3.77 9.18 -20.86
N GLY A 209 3.00 9.50 -21.89
CA GLY A 209 2.78 10.89 -22.28
C GLY A 209 2.06 11.71 -21.25
N LYS A 210 1.34 11.06 -20.33
CA LYS A 210 0.62 11.76 -19.28
C LYS A 210 1.50 12.09 -18.09
N HIS A 211 2.72 11.57 -18.01
CA HIS A 211 3.64 11.87 -16.93
C HIS A 211 4.72 12.81 -17.47
N ALA A 212 4.99 13.89 -16.75
CA ALA A 212 5.97 14.87 -17.25
C ALA A 212 7.34 14.24 -17.45
N LEU A 213 7.72 13.31 -16.58
CA LEU A 213 9.00 12.63 -16.73
C LEU A 213 9.04 11.71 -17.95
N GLY A 214 7.92 11.49 -18.64
CA GLY A 214 7.95 10.76 -19.90
C GLY A 214 8.14 9.28 -19.78
N ARG A 215 7.91 8.71 -18.60
CA ARG A 215 8.05 7.29 -18.34
C ARG A 215 7.08 6.92 -17.24
N LEU A 216 6.79 5.63 -17.13
CA LEU A 216 6.12 5.13 -15.95
C LEU A 216 7.11 5.04 -14.78
N GLY A 217 6.59 5.04 -13.58
CA GLY A 217 7.44 4.91 -12.42
C GLY A 217 7.86 3.47 -12.18
N GLU A 218 8.87 3.30 -11.35
CA GLU A 218 9.33 1.96 -10.99
C GLU A 218 8.87 1.64 -9.57
N PRO A 219 8.66 0.35 -9.27
CA PRO A 219 8.21 0.00 -7.90
C PRO A 219 9.10 0.56 -6.81
N GLU A 220 10.42 0.53 -6.99
CA GLU A 220 11.32 1.04 -5.97
C GLU A 220 11.17 2.53 -5.71
N GLU A 221 10.66 3.28 -6.69
CA GLU A 221 10.42 4.71 -6.55
C GLU A 221 9.18 4.98 -5.71
N VAL A 222 8.25 4.02 -5.64
CA VAL A 222 7.14 4.13 -4.69
C VAL A 222 7.56 3.66 -3.32
N ALA A 223 8.30 2.54 -3.28
CA ALA A 223 8.70 1.96 -2.01
C ALA A 223 9.53 2.92 -1.17
N SER A 224 10.39 3.72 -1.80
N SER A 224 10.37 3.73 -1.82
CA SER A 224 11.21 4.65 -1.04
CA SER A 224 11.22 4.66 -1.08
C SER A 224 10.36 5.65 -0.28
C SER A 224 10.37 5.65 -0.29
N LEU A 225 9.36 6.21 -0.95
CA LEU A 225 8.48 7.16 -0.28
C LEU A 225 7.70 6.49 0.85
N VAL A 226 7.19 5.29 0.60
CA VAL A 226 6.48 4.56 1.65
C VAL A 226 7.39 4.34 2.85
N ALA A 227 8.61 3.86 2.61
CA ALA A 227 9.52 3.57 3.70
C ALA A 227 9.88 4.83 4.46
N PHE A 228 10.08 5.95 3.75
CA PHE A 228 10.32 7.21 4.42
C PHE A 228 9.15 7.57 5.33
N LEU A 229 7.93 7.54 4.78
CA LEU A 229 6.76 7.94 5.56
C LEU A 229 6.48 7.01 6.72
N ALA A 230 6.87 5.75 6.64
CA ALA A 230 6.72 4.78 7.70
C ALA A 230 7.76 4.93 8.80
N SER A 231 8.77 5.78 8.60
CA SER A 231 9.96 5.83 9.44
C SER A 231 9.88 6.94 10.48
N ASP A 232 10.80 6.89 11.45
CA ASP A 232 10.84 7.90 12.49
C ASP A 232 11.21 9.27 11.96
N ALA A 233 11.82 9.35 10.77
CA ALA A 233 12.14 10.67 10.21
C ALA A 233 10.89 11.43 9.80
N ALA A 234 9.80 10.71 9.57
CA ALA A 234 8.51 11.29 9.15
C ALA A 234 7.58 11.58 10.32
N SER A 235 8.16 11.85 11.50
CA SER A 235 7.39 11.93 12.74
C SER A 235 6.41 13.09 12.81
N PHE A 236 6.52 14.11 11.95
CA PHE A 236 5.53 15.18 11.92
C PHE A 236 4.62 15.07 10.71
N ILE A 237 4.63 13.94 10.00
CA ILE A 237 3.81 13.79 8.80
C ILE A 237 2.64 12.88 9.11
N THR A 238 1.43 13.43 9.11
CA THR A 238 0.24 12.64 9.36
C THR A 238 -0.95 13.31 8.69
N GLY A 239 -1.88 12.50 8.23
CA GLY A 239 -3.13 12.96 7.63
C GLY A 239 -3.04 13.25 6.15
N SER A 240 -1.85 13.37 5.60
CA SER A 240 -1.57 13.93 4.29
C SER A 240 -1.43 12.87 3.21
N TYR A 241 -1.58 13.33 1.98
CA TYR A 241 -1.50 12.57 0.75
C TYR A 241 -0.27 12.99 -0.01
N HIS A 242 0.55 12.03 -0.39
CA HIS A 242 1.86 12.27 -0.97
C HIS A 242 1.96 11.60 -2.32
N LEU A 243 2.04 12.41 -3.37
CA LEU A 243 2.12 11.92 -4.73
C LEU A 243 3.52 11.49 -5.11
N VAL A 244 3.61 10.40 -5.87
CA VAL A 244 4.85 9.92 -6.49
C VAL A 244 4.46 9.57 -7.91
N ASP A 245 4.33 10.62 -8.71
CA ASP A 245 3.56 10.52 -9.93
C ASP A 245 4.23 11.11 -11.17
N GLY A 246 5.51 11.45 -11.08
CA GLY A 246 6.20 11.91 -12.27
C GLY A 246 5.63 13.16 -12.88
N GLY A 247 4.84 13.93 -12.14
CA GLY A 247 4.22 15.13 -12.64
C GLY A 247 2.83 14.96 -13.20
N TYR A 248 2.24 13.77 -13.12
CA TYR A 248 0.94 13.50 -13.74
C TYR A 248 -0.13 14.51 -13.33
N THR A 249 -0.22 14.79 -12.03
CA THR A 249 -1.29 15.66 -11.51
C THR A 249 -0.93 17.12 -11.49
N ALA A 250 0.27 17.51 -11.94
CA ALA A 250 0.69 18.89 -11.93
C ALA A 250 0.15 19.65 -13.18
N GLN A 251 -0.54 18.96 -14.09
CA GLN A 251 -1.18 19.56 -15.29
C GLN A 251 -2.66 19.13 -15.35
#